data_5QIN
#
_entry.id   5QIN
#
_cell.length_a   64.450
_cell.length_b   75.110
_cell.length_c   75.140
_cell.angle_alpha   90.000
_cell.angle_beta   90.000
_cell.angle_gamma   90.000
#
_symmetry.space_group_name_H-M   'P 21 21 21'
#
loop_
_entity.id
_entity.type
_entity.pdbx_description
1 polymer 'TGF-beta receptor type-2'
2 non-polymer N-{4-[3-(6-methoxypyridin-3-yl)-1H-pyrrolo[3,2-b]pyridin-2-yl]pyridin-2-yl}acetamide
3 non-polymer 'MAGNESIUM ION'
4 non-polymer GLYCEROL
5 water water
#
_entity_poly.entity_id   1
_entity_poly.type   'polypeptide(L)'
_entity_poly.pdbx_seq_one_letter_code
;GHMHNTELLPIELDTLVGKGRFAEVYKAKLKQNTSEQFETVAVKIFPYEEYASWKTEKDIFSDINLKHENILQFLTAEER
KTELGKQYWLITAFHAKGNLQEYLTRHVISWEDLRKLGSSLARGIAHLHSDHTPCGRPKMPIVHRDLKSSNILVKNDLTC
CLCDFGLSLRLDPTLSVDDLANSGQVGTARYMAPEVLASAMNLENVESFKQTDVYSMALVLWEMTSRCNAVGEVKDYEPP
FGSKVREHPCVASMADNVLADAGRPEIPSFWLNHQGIQMVCETLTECWDHDPEARLTAQCVAERFSELEHLDRLSG
;
_entity_poly.pdbx_strand_id   A
#
loop_
_chem_comp.id
_chem_comp.type
_chem_comp.name
_chem_comp.formula
GOL non-polymer GLYCEROL 'C3 H8 O3'
J2V non-polymer N-{4-[3-(6-methoxypyridin-3-yl)-1H-pyrrolo[3,2-b]pyridin-2-yl]pyridin-2-yl}acetamide 'C20 H17 N5 O2'
MG non-polymer 'MAGNESIUM ION' 'Mg 2'
#
# COMPACT_ATOMS: atom_id res chain seq x y z
N GLU A 7 -12.47 -24.26 18.69
CA GLU A 7 -12.45 -23.70 17.34
C GLU A 7 -11.47 -22.52 17.26
N LEU A 8 -11.41 -21.69 18.33
CA LEU A 8 -10.52 -20.55 18.42
C LEU A 8 -9.07 -21.00 18.65
N LEU A 9 -8.12 -20.34 17.97
CA LEU A 9 -6.71 -20.66 18.10
C LEU A 9 -6.15 -20.24 19.46
N PRO A 10 -5.17 -21.01 20.02
CA PRO A 10 -4.62 -20.61 21.31
C PRO A 10 -3.62 -19.47 21.13
N ILE A 11 -4.13 -18.23 21.22
CA ILE A 11 -3.33 -17.02 21.02
C ILE A 11 -3.21 -16.21 22.29
N GLU A 12 -1.99 -15.69 22.56
CA GLU A 12 -1.74 -14.77 23.65
C GLU A 12 -1.23 -13.46 23.02
N LEU A 13 -1.95 -12.36 23.23
CA LEU A 13 -1.53 -11.05 22.69
C LEU A 13 -0.34 -10.56 23.50
N ASP A 14 0.64 -9.95 22.82
CA ASP A 14 1.87 -9.49 23.48
C ASP A 14 2.00 -7.98 23.53
N THR A 15 2.05 -7.33 22.36
CA THR A 15 2.32 -5.91 22.23
C THR A 15 1.51 -5.28 21.10
N LEU A 16 1.03 -4.05 21.33
CA LEU A 16 0.38 -3.24 20.29
C LEU A 16 1.52 -2.75 19.39
N VAL A 17 1.52 -3.16 18.11
CA VAL A 17 2.59 -2.77 17.19
C VAL A 17 2.14 -1.80 16.12
N GLY A 18 0.84 -1.69 15.90
CA GLY A 18 0.34 -0.82 14.87
C GLY A 18 -1.12 -0.45 15.00
N LYS A 19 -1.51 0.55 14.24
CA LYS A 19 -2.88 0.99 14.24
C LYS A 19 -3.23 1.35 12.81
N GLY A 20 -4.21 0.64 12.28
CA GLY A 20 -4.71 0.92 10.94
C GLY A 20 -5.93 1.81 11.04
N ARG A 21 -6.49 2.13 9.89
CA ARG A 21 -7.68 2.94 9.79
C ARG A 21 -8.88 2.37 10.59
N PHE A 22 -9.01 1.03 10.62
CA PHE A 22 -10.19 0.40 11.23
C PHE A 22 -9.88 -0.54 12.38
N ALA A 23 -8.58 -0.80 12.65
CA ALA A 23 -8.24 -1.84 13.62
C ALA A 23 -6.89 -1.61 14.25
N GLU A 24 -6.68 -2.23 15.43
CA GLU A 24 -5.37 -2.18 16.09
C GLU A 24 -4.62 -3.44 15.70
N VAL A 25 -3.26 -3.41 15.68
CA VAL A 25 -2.50 -4.58 15.29
C VAL A 25 -1.58 -4.95 16.45
N TYR A 26 -1.59 -6.22 16.82
CA TYR A 26 -0.80 -6.77 17.92
C TYR A 26 0.17 -7.84 17.47
N LYS A 27 1.35 -7.86 18.09
CA LYS A 27 2.27 -8.99 17.97
C LYS A 27 1.67 -10.01 18.97
N ALA A 28 1.58 -11.28 18.59
CA ALA A 28 0.99 -12.31 19.45
C ALA A 28 1.73 -13.63 19.32
N LYS A 29 1.49 -14.52 20.29
CA LYS A 29 2.06 -15.86 20.30
C LYS A 29 0.96 -16.86 20.04
N LEU A 30 1.16 -17.71 19.04
CA LEU A 30 0.25 -18.79 18.67
C LEU A 30 0.85 -20.12 19.16
N LYS A 31 0.17 -20.76 20.14
CA LYS A 31 0.61 -22.05 20.69
C LYS A 31 0.44 -23.13 19.62
N GLN A 32 1.53 -23.89 19.36
CA GLN A 32 1.57 -24.95 18.35
C GLN A 32 2.24 -26.21 18.87
N PHE A 38 5.79 -22.20 20.16
CA PHE A 38 4.93 -21.08 19.79
C PHE A 38 5.45 -20.30 18.58
N GLU A 39 4.54 -19.93 17.64
CA GLU A 39 4.86 -19.14 16.46
C GLU A 39 4.41 -17.70 16.72
N THR A 40 5.18 -16.71 16.22
CA THR A 40 4.79 -15.30 16.36
C THR A 40 3.86 -14.98 15.21
N VAL A 41 2.74 -14.31 15.51
CA VAL A 41 1.75 -13.95 14.48
C VAL A 41 1.32 -12.49 14.71
N ALA A 42 0.69 -11.89 13.71
CA ALA A 42 0.11 -10.55 13.88
C ALA A 42 -1.38 -10.78 14.04
N VAL A 43 -2.01 -10.03 14.92
CA VAL A 43 -3.46 -10.12 15.13
C VAL A 43 -4.00 -8.72 14.89
N LYS A 44 -4.95 -8.60 13.95
CA LYS A 44 -5.56 -7.31 13.65
C LYS A 44 -6.98 -7.38 14.23
N ILE A 45 -7.24 -6.46 15.15
CA ILE A 45 -8.47 -6.45 15.97
C ILE A 45 -9.37 -5.32 15.58
N PHE A 46 -10.58 -5.70 15.13
CA PHE A 46 -11.60 -4.78 14.70
C PHE A 46 -12.71 -4.76 15.75
N PRO A 47 -13.15 -3.58 16.23
CA PRO A 47 -14.31 -3.55 17.10
C PRO A 47 -15.57 -3.84 16.27
N TYR A 48 -16.69 -4.21 16.96
CA TYR A 48 -17.94 -4.51 16.29
C TYR A 48 -18.32 -3.41 15.25
N GLU A 49 -18.14 -2.12 15.60
CA GLU A 49 -18.59 -1.05 14.69
C GLU A 49 -17.81 -1.03 13.35
N GLU A 50 -16.64 -1.73 13.26
CA GLU A 50 -15.87 -1.81 12.01
C GLU A 50 -16.01 -3.20 11.39
N TYR A 51 -17.11 -3.92 11.75
CA TYR A 51 -17.37 -5.23 11.17
C TYR A 51 -17.26 -5.21 9.63
N ALA A 52 -17.82 -4.19 8.96
CA ALA A 52 -17.82 -4.18 7.48
C ALA A 52 -16.40 -4.19 6.91
N SER A 53 -15.45 -3.51 7.59
CA SER A 53 -14.05 -3.51 7.13
C SER A 53 -13.40 -4.85 7.41
N TRP A 54 -13.71 -5.49 8.57
CA TRP A 54 -13.22 -6.84 8.86
C TRP A 54 -13.71 -7.80 7.77
N LYS A 55 -15.01 -7.70 7.39
CA LYS A 55 -15.59 -8.57 6.37
C LYS A 55 -14.97 -8.34 5.00
N THR A 56 -14.75 -7.07 4.62
CA THR A 56 -14.09 -6.74 3.35
C THR A 56 -12.68 -7.40 3.29
N GLU A 57 -11.86 -7.24 4.37
CA GLU A 57 -10.51 -7.80 4.38
C GLU A 57 -10.56 -9.33 4.39
N LYS A 58 -11.48 -9.92 5.20
CA LYS A 58 -11.62 -11.38 5.27
C LYS A 58 -11.96 -11.93 3.87
N ASP A 59 -12.89 -11.26 3.15
CA ASP A 59 -13.31 -11.68 1.81
C ASP A 59 -12.18 -11.64 0.80
N ILE A 60 -11.33 -10.59 0.87
CA ILE A 60 -10.19 -10.48 -0.03
C ILE A 60 -9.15 -11.55 0.29
N PHE A 61 -8.76 -11.69 1.56
CA PHE A 61 -7.78 -12.68 1.99
C PHE A 61 -8.22 -14.12 1.81
N SER A 62 -9.54 -14.38 1.80
CA SER A 62 -10.09 -15.73 1.62
C SER A 62 -10.11 -16.20 0.17
N ASP A 63 -9.80 -15.30 -0.78
CA ASP A 63 -9.75 -15.69 -2.19
C ASP A 63 -8.43 -16.47 -2.39
N ILE A 64 -8.52 -17.77 -2.78
CA ILE A 64 -7.34 -18.62 -3.02
C ILE A 64 -6.39 -18.04 -4.09
N ASN A 65 -6.92 -17.21 -5.01
CA ASN A 65 -6.14 -16.60 -6.09
C ASN A 65 -5.30 -15.41 -5.63
N LEU A 66 -5.52 -14.94 -4.40
CA LEU A 66 -4.76 -13.79 -3.92
C LEU A 66 -3.35 -14.15 -3.44
N LYS A 67 -3.17 -15.32 -2.77
CA LYS A 67 -1.88 -15.77 -2.21
C LYS A 67 -0.73 -15.47 -3.16
N HIS A 68 0.28 -14.76 -2.66
CA HIS A 68 1.43 -14.31 -3.44
C HIS A 68 2.51 -13.88 -2.45
N GLU A 69 3.78 -14.01 -2.83
CA GLU A 69 4.87 -13.65 -1.92
C GLU A 69 4.83 -12.18 -1.50
N ASN A 70 4.17 -11.32 -2.30
CA ASN A 70 4.16 -9.89 -1.94
C ASN A 70 2.81 -9.46 -1.35
N ILE A 71 2.00 -10.43 -0.92
CA ILE A 71 0.74 -10.17 -0.21
C ILE A 71 0.90 -10.82 1.16
N LEU A 72 0.54 -10.08 2.24
CA LEU A 72 0.66 -10.61 3.59
C LEU A 72 -0.02 -11.99 3.71
N GLN A 73 0.70 -12.94 4.29
CA GLN A 73 0.22 -14.32 4.43
C GLN A 73 -0.87 -14.42 5.48
N PHE A 74 -2.08 -14.76 5.04
CA PHE A 74 -3.26 -14.87 5.91
C PHE A 74 -3.39 -16.26 6.53
N LEU A 75 -3.72 -16.32 7.84
CA LEU A 75 -3.95 -17.59 8.51
C LEU A 75 -5.44 -17.85 8.66
N THR A 76 -6.17 -16.98 9.38
CA THR A 76 -7.62 -17.17 9.56
C THR A 76 -8.29 -15.92 10.12
N ALA A 77 -9.63 -15.90 10.11
CA ALA A 77 -10.43 -14.85 10.72
C ALA A 77 -11.13 -15.46 11.92
N GLU A 78 -11.35 -14.69 12.99
CA GLU A 78 -12.09 -15.19 14.16
C GLU A 78 -13.03 -14.15 14.72
N GLU A 79 -14.08 -14.62 15.39
CA GLU A 79 -15.00 -13.78 16.13
C GLU A 79 -14.72 -14.05 17.60
N ARG A 80 -14.44 -13.01 18.35
CA ARG A 80 -14.04 -13.18 19.75
C ARG A 80 -14.92 -12.43 20.72
N LYS A 81 -15.71 -13.19 21.49
CA LYS A 81 -16.56 -12.57 22.52
C LYS A 81 -15.63 -12.05 23.62
N THR A 82 -15.91 -10.84 24.10
CA THR A 82 -15.18 -10.23 25.22
C THR A 82 -16.18 -10.12 26.38
N GLU A 83 -15.71 -9.77 27.59
CA GLU A 83 -16.63 -9.64 28.73
C GLU A 83 -17.70 -8.55 28.50
N LEU A 84 -17.35 -7.47 27.77
CA LEU A 84 -18.30 -6.38 27.51
C LEU A 84 -18.70 -6.18 26.03
N GLY A 85 -18.45 -7.18 25.18
CA GLY A 85 -18.84 -7.10 23.78
C GLY A 85 -18.27 -8.19 22.90
N LYS A 86 -17.92 -7.82 21.66
CA LYS A 86 -17.32 -8.78 20.74
C LYS A 86 -16.36 -8.05 19.81
N GLN A 87 -15.19 -8.70 19.55
CA GLN A 87 -14.17 -8.23 18.60
C GLN A 87 -14.09 -9.18 17.41
N TYR A 88 -13.53 -8.70 16.29
CA TYR A 88 -13.40 -9.48 15.07
C TYR A 88 -11.92 -9.45 14.72
N TRP A 89 -11.30 -10.62 14.64
CA TRP A 89 -9.85 -10.71 14.44
C TRP A 89 -9.46 -11.26 13.10
N LEU A 90 -8.30 -10.81 12.60
CA LEU A 90 -7.67 -11.41 11.42
C LEU A 90 -6.27 -11.76 11.90
N ILE A 91 -5.81 -12.97 11.59
CA ILE A 91 -4.49 -13.42 12.09
C ILE A 91 -3.63 -13.72 10.87
N THR A 92 -2.38 -13.19 10.86
CA THR A 92 -1.48 -13.40 9.73
C THR A 92 -0.08 -13.68 10.20
N ALA A 93 0.82 -13.86 9.23
CA ALA A 93 2.24 -13.94 9.53
C ALA A 93 2.67 -12.57 10.14
N PHE A 94 3.76 -12.57 10.89
CA PHE A 94 4.28 -11.38 11.54
C PHE A 94 5.62 -11.02 10.86
N HIS A 95 5.78 -9.75 10.52
CA HIS A 95 7.04 -9.27 9.93
C HIS A 95 7.72 -8.37 10.93
N ALA A 96 8.82 -8.86 11.58
CA ALA A 96 9.46 -8.10 12.65
C ALA A 96 9.96 -6.71 12.26
N LYS A 97 10.36 -6.53 10.98
CA LYS A 97 10.89 -5.24 10.51
C LYS A 97 9.80 -4.18 10.37
N GLY A 98 8.54 -4.60 10.43
CA GLY A 98 7.40 -3.69 10.43
C GLY A 98 7.14 -2.92 9.15
N ASN A 99 6.50 -1.76 9.31
CA ASN A 99 6.05 -1.05 8.14
C ASN A 99 7.17 -0.24 7.50
N LEU A 100 7.00 0.02 6.19
CA LEU A 100 8.01 0.70 5.39
C LEU A 100 8.28 2.13 5.85
N GLN A 101 7.24 2.88 6.27
CA GLN A 101 7.46 4.26 6.70
C GLN A 101 8.42 4.26 7.90
N GLU A 102 8.17 3.41 8.89
CA GLU A 102 9.06 3.35 10.05
C GLU A 102 10.45 2.83 9.68
N TYR A 103 10.51 1.86 8.77
CA TYR A 103 11.79 1.31 8.32
C TYR A 103 12.65 2.42 7.68
N LEU A 104 12.07 3.20 6.77
CA LEU A 104 12.79 4.29 6.10
C LEU A 104 13.11 5.40 7.08
N THR A 105 12.31 5.57 8.14
CA THR A 105 12.59 6.60 9.14
C THR A 105 13.87 6.24 9.88
N ARG A 106 14.01 4.96 10.24
CA ARG A 106 15.15 4.50 11.03
C ARG A 106 16.39 4.14 10.24
N HIS A 107 16.25 3.81 8.95
CA HIS A 107 17.36 3.34 8.15
C HIS A 107 17.62 4.10 6.87
N VAL A 108 18.90 4.14 6.46
CA VAL A 108 19.37 4.61 5.16
C VAL A 108 19.60 3.31 4.40
N ILE A 109 19.00 3.19 3.22
CA ILE A 109 19.05 1.95 2.46
C ILE A 109 20.08 2.01 1.34
N SER A 110 20.52 0.84 0.89
CA SER A 110 21.49 0.74 -0.18
C SER A 110 20.76 0.67 -1.53
N TRP A 111 21.52 0.73 -2.65
CA TRP A 111 20.94 0.61 -3.97
C TRP A 111 20.30 -0.78 -4.12
N GLU A 112 20.99 -1.85 -3.66
CA GLU A 112 20.47 -3.22 -3.72
C GLU A 112 19.15 -3.29 -2.93
N ASP A 113 19.07 -2.61 -1.77
CA ASP A 113 17.85 -2.60 -0.95
C ASP A 113 16.71 -1.93 -1.72
N LEU A 114 17.01 -0.76 -2.35
CA LEU A 114 15.99 -0.01 -3.14
C LEU A 114 15.47 -0.88 -4.29
N ARG A 115 16.38 -1.54 -5.01
CA ARG A 115 16.01 -2.46 -6.09
C ARG A 115 15.02 -3.54 -5.58
N LYS A 116 15.34 -4.19 -4.47
CA LYS A 116 14.52 -5.25 -3.88
C LYS A 116 13.16 -4.73 -3.42
N LEU A 117 13.17 -3.61 -2.69
CA LEU A 117 11.93 -3.04 -2.15
C LEU A 117 11.03 -2.49 -3.25
N GLY A 118 11.60 -1.73 -4.18
CA GLY A 118 10.81 -1.14 -5.26
C GLY A 118 10.23 -2.18 -6.21
N SER A 119 11.07 -3.16 -6.61
CA SER A 119 10.58 -4.17 -7.55
C SER A 119 9.49 -5.06 -6.93
N SER A 120 9.65 -5.43 -5.64
CA SER A 120 8.66 -6.25 -4.95
C SER A 120 7.34 -5.47 -4.72
N LEU A 121 7.42 -4.16 -4.47
CA LEU A 121 6.19 -3.37 -4.35
C LEU A 121 5.44 -3.35 -5.69
N ALA A 122 6.17 -3.12 -6.82
CA ALA A 122 5.53 -3.08 -8.15
C ALA A 122 4.95 -4.47 -8.49
N ARG A 123 5.68 -5.55 -8.15
CA ARG A 123 5.16 -6.90 -8.42
C ARG A 123 3.88 -7.17 -7.59
N GLY A 124 3.88 -6.76 -6.32
CA GLY A 124 2.69 -6.94 -5.48
C GLY A 124 1.47 -6.19 -6.02
N ILE A 125 1.63 -4.92 -6.42
CA ILE A 125 0.51 -4.14 -6.96
C ILE A 125 0.05 -4.74 -8.30
N ALA A 126 1.02 -5.10 -9.18
CA ALA A 126 0.65 -5.75 -10.46
C ALA A 126 -0.17 -7.03 -10.20
N HIS A 127 0.21 -7.84 -9.21
CA HIS A 127 -0.55 -9.03 -8.87
C HIS A 127 -1.96 -8.66 -8.37
N LEU A 128 -2.04 -7.67 -7.45
CA LEU A 128 -3.34 -7.28 -6.93
C LEU A 128 -4.27 -6.86 -8.10
N HIS A 129 -3.75 -6.07 -9.05
CA HIS A 129 -4.52 -5.56 -10.19
C HIS A 129 -4.85 -6.59 -11.26
N SER A 130 -4.12 -7.69 -11.26
CA SER A 130 -4.24 -8.69 -12.33
C SER A 130 -5.57 -9.41 -12.39
N ASP A 131 -6.02 -9.65 -13.64
CA ASP A 131 -7.24 -10.44 -13.86
C ASP A 131 -6.89 -11.93 -14.04
N HIS A 132 -5.63 -12.32 -13.76
CA HIS A 132 -5.21 -13.70 -13.84
C HIS A 132 -4.14 -14.02 -12.81
N THR A 133 -4.05 -15.29 -12.42
CA THR A 133 -3.02 -15.75 -11.50
C THR A 133 -1.68 -15.84 -12.28
N PRO A 134 -0.50 -15.95 -11.60
CA PRO A 134 0.77 -16.06 -12.35
C PRO A 134 0.81 -17.24 -13.33
N CYS A 135 -0.10 -18.23 -13.18
CA CYS A 135 -0.18 -19.41 -14.05
C CYS A 135 -1.19 -19.27 -15.21
N GLY A 136 -2.24 -18.45 -15.06
CA GLY A 136 -3.21 -18.23 -16.11
C GLY A 136 -4.69 -18.33 -15.78
N ARG A 137 -5.04 -18.71 -14.54
CA ARG A 137 -6.44 -18.84 -14.14
C ARG A 137 -7.07 -17.45 -13.90
N PRO A 138 -8.37 -17.24 -14.23
CA PRO A 138 -9.00 -15.93 -13.96
C PRO A 138 -8.95 -15.60 -12.47
N LYS A 139 -8.70 -14.31 -12.17
CA LYS A 139 -8.58 -13.82 -10.81
C LYS A 139 -9.36 -12.51 -10.74
N MET A 140 -10.00 -12.27 -9.60
CA MET A 140 -10.69 -11.01 -9.39
C MET A 140 -9.63 -9.90 -9.21
N PRO A 141 -9.60 -8.84 -10.07
CA PRO A 141 -8.65 -7.73 -9.82
C PRO A 141 -9.10 -7.01 -8.55
N ILE A 142 -8.13 -6.48 -7.80
CA ILE A 142 -8.42 -5.73 -6.59
C ILE A 142 -7.67 -4.41 -6.70
N VAL A 143 -8.34 -3.31 -6.31
CA VAL A 143 -7.69 -2.00 -6.21
C VAL A 143 -7.55 -1.68 -4.71
N HIS A 144 -6.33 -1.30 -4.28
CA HIS A 144 -6.06 -1.10 -2.85
C HIS A 144 -6.85 0.07 -2.23
N ARG A 145 -6.78 1.25 -2.89
CA ARG A 145 -7.42 2.54 -2.61
CA ARG A 145 -7.49 2.49 -2.54
C ARG A 145 -6.89 3.26 -1.37
N ASP A 146 -5.85 2.72 -0.69
CA ASP A 146 -5.25 3.48 0.42
C ASP A 146 -3.80 3.09 0.59
N LEU A 147 -3.05 3.01 -0.52
CA LEU A 147 -1.68 2.54 -0.49
C LEU A 147 -0.77 3.65 0.02
N LYS A 148 0.10 3.30 0.97
CA LYS A 148 1.02 4.30 1.54
C LYS A 148 2.16 3.56 2.23
N SER A 149 3.24 4.27 2.58
CA SER A 149 4.37 3.56 3.21
C SER A 149 4.03 2.96 4.57
N SER A 150 3.04 3.55 5.30
CA SER A 150 2.71 3.05 6.63
C SER A 150 1.96 1.72 6.65
N ASN A 151 1.45 1.27 5.45
CA ASN A 151 0.77 -0.04 5.44
C ASN A 151 1.40 -1.01 4.46
N ILE A 152 2.69 -0.76 4.09
CA ILE A 152 3.48 -1.69 3.29
C ILE A 152 4.48 -2.30 4.26
N LEU A 153 4.53 -3.63 4.30
CA LEU A 153 5.37 -4.33 5.27
C LEU A 153 6.68 -4.76 4.67
N VAL A 154 7.74 -4.68 5.51
CA VAL A 154 9.08 -5.07 5.10
C VAL A 154 9.39 -6.48 5.62
N LYS A 155 9.56 -7.44 4.69
CA LYS A 155 9.90 -8.80 5.06
C LYS A 155 11.39 -8.85 5.45
N ASN A 156 11.79 -9.94 6.16
CA ASN A 156 13.19 -10.06 6.58
C ASN A 156 14.19 -9.95 5.42
N ASP A 157 13.81 -10.41 4.22
CA ASP A 157 14.68 -10.39 3.03
C ASP A 157 14.63 -9.05 2.27
N LEU A 158 14.04 -8.01 2.90
CA LEU A 158 13.95 -6.66 2.34
C LEU A 158 13.11 -6.59 1.06
N THR A 159 12.07 -7.42 0.97
CA THR A 159 11.07 -7.29 -0.06
C THR A 159 9.78 -6.83 0.63
N CYS A 160 8.88 -6.21 -0.13
CA CYS A 160 7.60 -5.67 0.40
C CYS A 160 6.51 -6.69 0.39
N CYS A 161 5.52 -6.47 1.27
CA CYS A 161 4.28 -7.19 1.09
C CYS A 161 3.12 -6.28 1.49
N LEU A 162 2.01 -6.41 0.78
CA LEU A 162 0.85 -5.55 0.91
C LEU A 162 -0.14 -6.06 1.92
N CYS A 163 -0.87 -5.13 2.52
CA CYS A 163 -1.97 -5.44 3.45
C CYS A 163 -2.89 -4.22 3.56
N ASP A 164 -3.85 -4.26 4.51
CA ASP A 164 -4.72 -3.14 4.87
C ASP A 164 -5.71 -2.85 3.75
N PHE A 165 -6.56 -3.84 3.52
CA PHE A 165 -7.53 -3.85 2.44
C PHE A 165 -8.95 -3.42 2.81
N GLY A 166 -9.11 -2.66 3.91
CA GLY A 166 -10.44 -2.27 4.37
C GLY A 166 -11.21 -1.35 3.44
N LEU A 167 -10.49 -0.54 2.64
CA LEU A 167 -11.08 0.35 1.64
C LEU A 167 -10.97 -0.22 0.22
N SER A 168 -10.44 -1.43 0.09
CA SER A 168 -10.17 -2.01 -1.21
C SER A 168 -11.42 -2.40 -1.95
N LEU A 169 -11.31 -2.41 -3.27
CA LEU A 169 -12.47 -2.74 -4.08
CA LEU A 169 -12.47 -2.78 -4.08
C LEU A 169 -12.16 -3.91 -5.00
N ARG A 170 -12.98 -4.95 -4.93
CA ARG A 170 -12.87 -6.05 -5.86
C ARG A 170 -13.54 -5.47 -7.11
N LEU A 171 -12.88 -5.54 -8.28
CA LEU A 171 -13.45 -4.97 -9.51
C LEU A 171 -14.51 -5.90 -10.12
N ASP A 172 -15.60 -6.08 -9.36
CA ASP A 172 -16.71 -6.97 -9.70
C ASP A 172 -17.51 -6.38 -10.84
N PRO A 173 -17.85 -7.21 -11.85
CA PRO A 173 -18.70 -6.72 -12.96
C PRO A 173 -20.06 -6.18 -12.51
N THR A 174 -20.51 -6.55 -11.28
CA THR A 174 -21.78 -6.05 -10.73
C THR A 174 -21.67 -4.61 -10.19
N LEU A 175 -20.44 -4.04 -10.09
CA LEU A 175 -20.29 -2.66 -9.58
C LEU A 175 -21.08 -1.65 -10.42
N SER A 176 -21.85 -0.80 -9.74
CA SER A 176 -22.66 0.25 -10.38
C SER A 176 -21.89 1.57 -10.39
N VAL A 177 -22.25 2.49 -11.30
CA VAL A 177 -21.66 3.84 -11.41
C VAL A 177 -21.95 4.61 -10.12
N ASP A 178 -23.19 4.45 -9.59
CA ASP A 178 -23.66 5.04 -8.34
C ASP A 178 -23.06 4.34 -7.10
N ASP A 179 -22.17 3.35 -7.33
CA ASP A 179 -21.46 2.59 -6.30
C ASP A 179 -19.97 2.95 -6.31
N LEU A 180 -19.41 3.24 -7.51
CA LEU A 180 -18.01 3.65 -7.68
C LEU A 180 -17.81 5.08 -7.19
N ALA A 181 -18.88 5.91 -7.32
CA ALA A 181 -18.93 7.32 -6.92
C ALA A 181 -19.47 7.51 -5.49
N ASN A 182 -19.19 6.54 -4.59
CA ASN A 182 -19.62 6.58 -3.19
C ASN A 182 -18.78 5.65 -2.31
N GLN A 185 -14.73 9.85 -1.94
CA GLN A 185 -13.40 10.38 -1.65
C GLN A 185 -12.85 9.68 -0.40
N VAL A 186 -12.38 8.46 -0.59
CA VAL A 186 -11.82 7.65 0.49
C VAL A 186 -10.31 7.60 0.33
N GLY A 187 -9.67 7.32 1.45
CA GLY A 187 -8.24 7.14 1.53
C GLY A 187 -7.55 8.26 2.28
N THR A 188 -6.22 8.24 2.21
CA THR A 188 -5.34 9.17 2.90
C THR A 188 -5.08 10.34 1.94
N ALA A 189 -5.46 11.55 2.35
CA ALA A 189 -5.36 12.73 1.49
C ALA A 189 -3.96 12.94 0.92
N ARG A 190 -2.93 12.73 1.73
CA ARG A 190 -1.53 12.95 1.32
C ARG A 190 -1.15 12.12 0.09
N TYR A 191 -1.75 10.90 -0.05
CA TYR A 191 -1.42 9.98 -1.13
C TYR A 191 -2.47 9.93 -2.24
N MET A 192 -3.46 10.82 -2.19
CA MET A 192 -4.51 10.85 -3.22
C MET A 192 -4.01 11.42 -4.54
N ALA A 193 -4.34 10.71 -5.63
CA ALA A 193 -4.02 11.18 -6.97
C ALA A 193 -4.78 12.50 -7.26
N PRO A 194 -4.28 13.33 -8.20
CA PRO A 194 -4.93 14.63 -8.47
C PRO A 194 -6.39 14.47 -8.91
N GLU A 195 -6.72 13.41 -9.66
CA GLU A 195 -8.13 13.19 -10.10
C GLU A 195 -9.02 12.80 -8.90
N VAL A 196 -8.42 12.18 -7.84
CA VAL A 196 -9.18 11.84 -6.65
C VAL A 196 -9.44 13.13 -5.89
N LEU A 197 -8.40 13.97 -5.71
CA LEU A 197 -8.54 15.26 -5.01
C LEU A 197 -9.54 16.17 -5.75
N ALA A 198 -9.58 16.08 -7.08
CA ALA A 198 -10.46 16.89 -7.92
C ALA A 198 -11.88 16.34 -8.01
N SER A 199 -12.15 15.10 -7.53
CA SER A 199 -13.43 14.38 -7.70
C SER A 199 -13.70 14.30 -9.22
N ALA A 200 -12.64 13.95 -9.98
CA ALA A 200 -12.69 13.89 -11.44
C ALA A 200 -12.36 12.49 -11.97
N MET A 201 -12.51 11.45 -11.10
CA MET A 201 -12.21 10.10 -11.59
C MET A 201 -13.11 9.74 -12.75
N ASN A 202 -12.53 9.14 -13.79
CA ASN A 202 -13.31 8.73 -14.98
C ASN A 202 -13.97 7.41 -14.65
N LEU A 203 -15.24 7.49 -14.27
CA LEU A 203 -16.00 6.30 -13.87
C LEU A 203 -16.53 5.46 -15.04
N GLU A 204 -16.18 5.81 -16.30
CA GLU A 204 -16.59 5.06 -17.48
C GLU A 204 -15.83 3.71 -17.56
N ASN A 205 -14.69 3.61 -16.82
CA ASN A 205 -13.89 2.39 -16.74
C ASN A 205 -13.23 2.27 -15.37
N VAL A 206 -13.26 1.05 -14.79
CA VAL A 206 -12.67 0.74 -13.48
C VAL A 206 -11.15 0.83 -13.51
N GLU A 207 -10.56 0.95 -14.72
CA GLU A 207 -9.11 1.12 -14.91
C GLU A 207 -8.66 2.38 -14.19
N SER A 208 -9.59 3.35 -14.05
CA SER A 208 -9.34 4.60 -13.33
C SER A 208 -8.85 4.29 -11.91
N PHE A 209 -9.44 3.27 -11.25
CA PHE A 209 -9.02 2.95 -9.88
C PHE A 209 -7.60 2.37 -9.84
N LYS A 210 -7.21 1.53 -10.83
CA LYS A 210 -5.84 1.00 -10.85
C LYS A 210 -4.83 2.13 -10.99
N GLN A 211 -5.19 3.14 -11.80
CA GLN A 211 -4.34 4.31 -12.04
C GLN A 211 -4.12 5.14 -10.76
N THR A 212 -5.10 5.17 -9.87
CA THR A 212 -4.93 5.89 -8.59
C THR A 212 -3.94 5.13 -7.70
N ASP A 213 -3.97 3.78 -7.73
CA ASP A 213 -2.99 3.02 -6.92
C ASP A 213 -1.58 3.28 -7.45
N VAL A 214 -1.40 3.36 -8.79
CA VAL A 214 -0.08 3.61 -9.38
C VAL A 214 0.46 4.96 -8.93
N TYR A 215 -0.38 5.98 -8.87
CA TYR A 215 0.04 7.30 -8.38
C TYR A 215 0.58 7.18 -6.94
N SER A 216 -0.20 6.51 -6.05
CA SER A 216 0.22 6.36 -4.65
C SER A 216 1.52 5.57 -4.59
N MET A 217 1.64 4.52 -5.44
CA MET A 217 2.85 3.72 -5.49
C MET A 217 4.06 4.61 -5.90
N ALA A 218 3.86 5.59 -6.82
CA ALA A 218 4.94 6.51 -7.25
C ALA A 218 5.48 7.31 -6.03
N LEU A 219 4.57 7.78 -5.16
CA LEU A 219 4.98 8.53 -3.97
C LEU A 219 5.80 7.63 -3.05
N VAL A 220 5.39 6.34 -2.90
CA VAL A 220 6.13 5.44 -2.03
C VAL A 220 7.52 5.14 -2.63
N LEU A 221 7.61 4.95 -3.95
CA LEU A 221 8.90 4.75 -4.61
C LEU A 221 9.81 5.96 -4.39
N TRP A 222 9.22 7.17 -4.41
CA TRP A 222 10.00 8.39 -4.09
C TRP A 222 10.51 8.33 -2.63
N GLU A 223 9.67 7.89 -1.68
CA GLU A 223 10.10 7.79 -0.28
C GLU A 223 11.29 6.86 -0.17
N MET A 224 11.23 5.69 -0.84
CA MET A 224 12.34 4.74 -0.78
C MET A 224 13.60 5.38 -1.37
N THR A 225 13.47 6.02 -2.55
CA THR A 225 14.60 6.66 -3.25
C THR A 225 15.26 7.75 -2.38
N SER A 226 14.44 8.53 -1.67
CA SER A 226 14.86 9.64 -0.82
C SER A 226 15.78 9.20 0.35
N ARG A 227 15.74 7.91 0.67
CA ARG A 227 16.52 7.36 1.77
C ARG A 227 17.59 6.40 1.30
N CYS A 228 17.88 6.43 0.02
CA CYS A 228 18.87 5.57 -0.58
C CYS A 228 20.23 6.28 -0.71
N ASN A 229 21.26 5.77 0.00
CA ASN A 229 22.63 6.31 0.00
C ASN A 229 23.29 6.35 -1.37
N ALA A 230 22.73 5.69 -2.41
CA ALA A 230 23.29 5.69 -3.77
C ALA A 230 23.34 7.11 -4.35
N VAL A 231 22.57 8.04 -3.78
CA VAL A 231 22.57 9.45 -4.21
C VAL A 231 23.72 10.22 -3.51
N GLY A 232 24.22 9.66 -2.42
CA GLY A 232 25.27 10.25 -1.60
C GLY A 232 24.68 10.77 -0.31
N GLU A 233 24.56 12.10 -0.18
CA GLU A 233 23.99 12.76 0.98
C GLU A 233 22.48 12.51 1.01
N VAL A 234 22.00 11.97 2.12
CA VAL A 234 20.60 11.63 2.35
C VAL A 234 20.05 12.48 3.48
N LYS A 235 18.87 13.07 3.28
CA LYS A 235 18.19 13.88 4.30
C LYS A 235 17.47 12.95 5.26
N ASP A 236 17.02 13.46 6.41
CA ASP A 236 16.21 12.67 7.33
C ASP A 236 14.90 12.37 6.62
N TYR A 237 14.31 11.22 6.91
CA TYR A 237 13.05 10.91 6.27
C TYR A 237 11.97 11.96 6.54
N GLU A 238 11.18 12.23 5.50
CA GLU A 238 10.02 13.10 5.62
C GLU A 238 8.95 12.52 4.71
N PRO A 239 7.67 12.52 5.13
CA PRO A 239 6.62 11.98 4.25
C PRO A 239 6.51 12.85 2.99
N PRO A 240 5.94 12.29 1.89
CA PRO A 240 5.67 13.13 0.70
C PRO A 240 4.91 14.40 1.11
N PHE A 241 5.37 15.58 0.61
CA PHE A 241 4.77 16.90 0.90
C PHE A 241 4.86 17.28 2.39
N GLY A 242 5.81 16.68 3.12
CA GLY A 242 5.98 16.88 4.55
C GLY A 242 5.99 18.32 5.05
N SER A 243 6.77 19.17 4.38
CA SER A 243 6.91 20.57 4.82
C SER A 243 5.86 21.51 4.20
N LYS A 244 5.06 21.00 3.24
CA LYS A 244 4.07 21.82 2.53
C LYS A 244 2.72 21.90 3.19
N VAL A 245 2.30 20.83 3.90
CA VAL A 245 0.95 20.74 4.50
C VAL A 245 1.01 20.32 5.97
N ARG A 246 -0.15 20.34 6.69
CA ARG A 246 -0.22 19.88 8.11
C ARG A 246 0.13 18.38 8.24
N GLU A 247 0.31 17.88 9.48
CA GLU A 247 0.63 16.47 9.75
C GLU A 247 -0.47 15.54 9.21
N HIS A 248 -1.73 15.97 9.36
CA HIS A 248 -2.93 15.27 8.89
C HIS A 248 -3.63 16.26 7.94
N PRO A 249 -3.14 16.38 6.68
CA PRO A 249 -3.72 17.39 5.78
C PRO A 249 -5.10 17.06 5.26
N CYS A 250 -5.86 18.09 4.97
CA CYS A 250 -7.19 17.97 4.41
C CYS A 250 -7.02 17.84 2.89
N VAL A 251 -8.09 17.43 2.24
CA VAL A 251 -8.12 17.30 0.78
C VAL A 251 -7.85 18.69 0.15
N ALA A 252 -8.41 19.80 0.71
CA ALA A 252 -8.22 21.13 0.08
C ALA A 252 -6.75 21.53 0.01
N SER A 253 -6.00 21.35 1.11
CA SER A 253 -4.59 21.73 1.12
C SER A 253 -3.79 20.85 0.19
N MET A 254 -4.15 19.55 0.10
CA MET A 254 -3.48 18.66 -0.85
C MET A 254 -3.76 19.04 -2.29
N ALA A 255 -5.02 19.39 -2.62
CA ALA A 255 -5.39 19.81 -3.97
C ALA A 255 -4.63 21.08 -4.36
N ASP A 256 -4.37 22.02 -3.40
CA ASP A 256 -3.57 23.23 -3.69
C ASP A 256 -2.20 22.85 -4.25
N ASN A 257 -1.60 21.79 -3.67
CA ASN A 257 -0.29 21.35 -4.08
C ASN A 257 -0.33 20.50 -5.34
N VAL A 258 -1.00 19.35 -5.25
CA VAL A 258 -0.98 18.31 -6.26
C VAL A 258 -1.73 18.64 -7.53
N LEU A 259 -2.89 19.31 -7.40
CA LEU A 259 -3.69 19.61 -8.56
C LEU A 259 -3.39 21.03 -9.06
N ALA A 260 -3.69 22.08 -8.24
CA ALA A 260 -3.49 23.48 -8.65
C ALA A 260 -2.03 23.83 -9.01
N ASP A 261 -1.05 23.51 -8.13
CA ASP A 261 0.36 23.78 -8.36
C ASP A 261 1.12 22.67 -9.11
N ALA A 262 0.43 21.55 -9.52
CA ALA A 262 1.02 20.39 -10.20
C ALA A 262 2.26 19.87 -9.40
N GLY A 263 2.20 20.07 -8.09
CA GLY A 263 3.29 19.76 -7.16
C GLY A 263 3.51 18.30 -6.89
N ARG A 264 4.78 17.91 -6.83
CA ARG A 264 5.19 16.54 -6.50
C ARG A 264 6.40 16.64 -5.56
N PRO A 265 6.72 15.56 -4.84
CA PRO A 265 7.96 15.60 -4.02
C PRO A 265 9.18 15.90 -4.89
N GLU A 266 10.12 16.64 -4.31
CA GLU A 266 11.32 17.08 -5.01
C GLU A 266 12.31 15.97 -5.32
N ILE A 267 12.81 15.98 -6.56
CA ILE A 267 13.84 15.08 -7.04
C ILE A 267 15.06 15.99 -7.38
N PRO A 268 15.99 16.20 -6.41
CA PRO A 268 17.17 17.05 -6.71
C PRO A 268 17.97 16.49 -7.88
N SER A 269 18.54 17.36 -8.75
CA SER A 269 19.26 16.91 -9.95
C SER A 269 20.43 15.94 -9.66
N PHE A 270 21.11 16.12 -8.51
CA PHE A 270 22.26 15.26 -8.13
C PHE A 270 21.86 13.79 -7.97
N TRP A 271 20.58 13.48 -7.61
CA TRP A 271 20.15 12.09 -7.53
C TRP A 271 20.33 11.36 -8.86
N LEU A 272 20.13 12.08 -10.00
CA LEU A 272 20.19 11.52 -11.34
C LEU A 272 21.60 11.15 -11.82
N ASN A 273 22.65 11.49 -11.03
CA ASN A 273 24.04 11.12 -11.36
C ASN A 273 24.27 9.60 -11.29
N HIS A 274 23.44 8.86 -10.50
CA HIS A 274 23.50 7.40 -10.40
C HIS A 274 22.53 6.84 -11.45
N GLN A 275 23.03 6.00 -12.39
CA GLN A 275 22.26 5.41 -13.51
C GLN A 275 20.99 4.65 -13.07
N GLY A 276 21.08 3.93 -11.96
CA GLY A 276 19.96 3.20 -11.38
C GLY A 276 18.92 4.14 -10.80
N ILE A 277 19.37 5.11 -9.97
CA ILE A 277 18.47 6.12 -9.36
C ILE A 277 17.77 6.89 -10.49
N GLN A 278 18.50 7.23 -11.58
CA GLN A 278 17.92 7.94 -12.72
C GLN A 278 16.74 7.20 -13.31
N MET A 279 16.89 5.88 -13.54
CA MET A 279 15.84 5.02 -14.09
C MET A 279 14.64 5.02 -13.13
N VAL A 280 14.89 4.86 -11.81
CA VAL A 280 13.83 4.83 -10.80
C VAL A 280 13.06 6.16 -10.80
N CYS A 281 13.79 7.30 -10.84
CA CYS A 281 13.17 8.62 -10.84
C CYS A 281 12.36 8.86 -12.10
N GLU A 282 12.89 8.45 -13.27
CA GLU A 282 12.13 8.59 -14.53
C GLU A 282 10.83 7.79 -14.49
N THR A 283 10.90 6.57 -13.92
CA THR A 283 9.75 5.65 -13.84
C THR A 283 8.68 6.19 -12.91
N LEU A 284 9.07 6.54 -11.68
CA LEU A 284 8.09 7.04 -10.71
C LEU A 284 7.46 8.40 -11.22
N THR A 285 8.23 9.22 -11.96
CA THR A 285 7.73 10.48 -12.52
C THR A 285 6.60 10.21 -13.52
N GLU A 286 6.75 9.19 -14.36
CA GLU A 286 5.68 8.79 -15.29
C GLU A 286 4.45 8.34 -14.46
N CYS A 287 4.71 7.59 -13.38
CA CYS A 287 3.65 7.08 -12.52
C CYS A 287 2.87 8.16 -11.76
N TRP A 288 3.41 9.39 -11.60
CA TRP A 288 2.63 10.39 -10.89
C TRP A 288 2.15 11.49 -11.83
N ASP A 289 2.06 11.17 -13.13
CA ASP A 289 1.59 12.13 -14.12
C ASP A 289 0.20 12.60 -13.74
N HIS A 290 -0.11 13.89 -13.97
CA HIS A 290 -1.45 14.45 -13.77
C HIS A 290 -2.51 13.59 -14.52
N ASP A 291 -2.20 13.16 -15.74
CA ASP A 291 -3.15 12.38 -16.55
C ASP A 291 -3.08 10.88 -16.17
N PRO A 292 -4.16 10.29 -15.57
CA PRO A 292 -4.09 8.86 -15.17
C PRO A 292 -3.79 7.94 -16.32
N GLU A 293 -4.26 8.31 -17.54
CA GLU A 293 -4.01 7.46 -18.70
C GLU A 293 -2.55 7.48 -19.17
N ALA A 294 -1.75 8.48 -18.73
CA ALA A 294 -0.34 8.60 -19.10
C ALA A 294 0.55 7.80 -18.15
N ARG A 295 0.01 7.39 -17.00
CA ARG A 295 0.83 6.65 -16.04
C ARG A 295 1.16 5.27 -16.56
N LEU A 296 2.30 4.74 -16.14
CA LEU A 296 2.64 3.35 -16.46
C LEU A 296 1.73 2.45 -15.60
N THR A 297 1.58 1.19 -15.98
CA THR A 297 0.84 0.22 -15.18
C THR A 297 1.84 -0.35 -14.15
N ALA A 298 1.34 -0.98 -13.08
CA ALA A 298 2.24 -1.56 -12.11
C ALA A 298 3.10 -2.66 -12.77
N GLN A 299 2.52 -3.41 -13.73
CA GLN A 299 3.25 -4.45 -14.47
C GLN A 299 4.41 -3.82 -15.24
N CYS A 300 4.20 -2.63 -15.88
CA CYS A 300 5.27 -1.90 -16.60
C CYS A 300 6.39 -1.58 -15.63
N VAL A 301 6.03 -1.09 -14.42
CA VAL A 301 7.04 -0.74 -13.43
C VAL A 301 7.85 -1.99 -13.02
N ALA A 302 7.18 -3.13 -12.78
CA ALA A 302 7.86 -4.38 -12.42
C ALA A 302 8.85 -4.77 -13.53
N GLU A 303 8.47 -4.57 -14.80
CA GLU A 303 9.32 -4.88 -15.96
C GLU A 303 10.51 -3.96 -16.03
N ARG A 304 10.33 -2.67 -15.70
CA ARG A 304 11.40 -1.68 -15.68
C ARG A 304 12.43 -2.10 -14.63
N PHE A 305 11.95 -2.58 -13.47
CA PHE A 305 12.83 -3.02 -12.39
C PHE A 305 13.62 -4.27 -12.75
N SER A 306 13.00 -5.21 -13.48
CA SER A 306 13.66 -6.44 -13.92
C SER A 306 14.76 -6.16 -14.94
N GLU A 307 14.64 -5.02 -15.66
CA GLU A 307 15.62 -4.55 -16.65
C GLU A 307 16.88 -3.94 -15.99
N LEU A 308 16.79 -3.56 -14.69
CA LEU A 308 17.93 -2.99 -13.94
C LEU A 308 18.98 -4.08 -13.67
C17 J2V B . -2.54 -6.29 8.44
C16 J2V B . -1.67 -6.22 9.53
C15 J2V B . 2.55 -5.58 11.34
C19 J2V B . -3.50 -8.23 9.19
C20 J2V B . -2.70 -8.25 10.35
C21 J2V B . -1.76 -7.24 10.49
C23 J2V B . 5.14 -5.07 12.89
C11 J2V B . 1.45 -7.20 9.95
C12 J2V B . 2.52 -8.06 10.19
C27 J2V B . -5.18 -9.28 7.87
C1 J2V B . -1.31 -3.66 9.43
C2 J2V B . -0.25 -2.82 9.75
C3 J2V B . -0.39 -1.44 9.61
C4 J2V B . -1.62 -0.96 9.15
C5 J2V B . -2.63 -1.87 8.88
N6 J2V B . -2.50 -3.20 9.00
C7 J2V B . -0.84 -5.02 9.70
C8 J2V B . 0.46 -4.91 10.15
N9 J2V B . 0.82 -3.57 10.19
C10 J2V B . 1.47 -5.93 10.53
N13 J2V B . 3.60 -7.72 10.93
C14 J2V B . 3.61 -6.50 11.51
N18 J2V B . -3.44 -7.28 8.25
N22 J2V B . 4.80 -6.22 12.24
O24 J2V B . 4.45 -4.06 12.91
C25 J2V B . 6.47 -5.07 13.60
O26 J2V B . -4.43 -9.19 9.09
H35 J2V B . -2.56 -5.52 7.67
H34 J2V B . 2.50 -4.64 11.88
H36 J2V B . -2.82 -9.03 11.10
H37 J2V B . -1.06 -7.26 11.32
H32 J2V B . 0.65 -7.54 9.28
H33 J2V B . 2.57 -9.05 9.76
H42 J2V B . -5.76 -10.19 7.99
H44 J2V B . -4.53 -9.41 7.00
H43 J2V B . -5.84 -8.44 7.69
H28 J2V B . 0.43 -0.76 9.84
H29 J2V B . -1.78 0.11 9.03
H30 J2V B . -3.63 -1.55 8.61
H31 J2V B . 1.72 -3.19 10.45
H38 J2V B . 5.46 -6.99 12.28
H39 J2V B . 6.41 -5.33 14.65
H40 J2V B . 7.19 -5.75 13.14
H41 J2V B . 6.93 -4.08 13.54
MG MG C . -18.38 3.84 11.62
C1 GOL D . 2.12 16.35 -13.38
O1 GOL D . 2.00 15.75 -14.67
C2 GOL D . 3.57 16.64 -13.03
O2 GOL D . 3.61 17.55 -11.93
C3 GOL D . 4.32 15.39 -12.65
O3 GOL D . 4.70 14.66 -13.81
#